data_5ETS
#
_entry.id   5ETS
#
_cell.length_a   47.790
_cell.length_b   68.580
_cell.length_c   52.990
_cell.angle_alpha   90.00
_cell.angle_beta   105.94
_cell.angle_gamma   90.00
#
_symmetry.space_group_name_H-M   'P 1 21 1'
#
loop_
_entity.id
_entity.type
_entity.pdbx_description
1 polymer '2-amino-4-hydroxy-6-hydroxymethyldihydropteridine pyrophosphokinase'
2 non-polymer 'DIPHOSPHOMETHYLPHOSPHONIC ACID ADENOSYL ESTER'
3 non-polymer 2-azanyl-8-[(4-chlorophenyl)methylsulfanyl]-1,9-dihydropurin-6-one
4 non-polymer 'SODIUM ION'
5 non-polymer 'MAGNESIUM ION'
6 water water
#
_entity_poly.entity_id   1
_entity_poly.type   'polypeptide(L)'
_entity_poly.pdbx_seq_one_letter_code
;GSHMIQAYLGLGSNIGDRESQLNDAIKILNEYDGISVSNISPIYETAPVGYTEQPNFLNLCVEIQTTLTVLQLLECCLKT
EECLHRIRKERWGPRTLDVDILLYGEEMIDLPKLSVPHPRMNERAFVLIPLNDIAANVVEPRSKLKVKDLVFVDDSVKRY
K
;
_entity_poly.pdbx_strand_id   B,A
#
loop_
_chem_comp.id
_chem_comp.type
_chem_comp.name
_chem_comp.formula
5RX non-polymer 2-azanyl-8-[(4-chlorophenyl)methylsulfanyl]-1,9-dihydropurin-6-one 'C12 H10 Cl N5 O S'
APC non-polymer 'DIPHOSPHOMETHYLPHOSPHONIC ACID ADENOSYL ESTER' 'C11 H18 N5 O12 P3'
MG non-polymer 'MAGNESIUM ION' 'Mg 2'
NA non-polymer 'SODIUM ION' 'Na 1'
#
# COMPACT_ATOMS: atom_id res chain seq x y z
N MET A 4 25.64 -0.81 13.70
CA MET A 4 25.21 -1.74 12.63
C MET A 4 23.70 -2.04 12.69
N ILE A 5 22.99 -1.78 11.60
CA ILE A 5 21.55 -1.93 11.57
C ILE A 5 21.23 -3.08 10.61
N GLN A 6 20.28 -3.93 11.02
CA GLN A 6 19.80 -4.98 10.15
C GLN A 6 18.62 -4.44 9.33
N ALA A 7 18.78 -4.42 8.00
CA ALA A 7 17.75 -3.93 7.09
C ALA A 7 17.40 -4.99 6.03
N TYR A 8 16.22 -4.83 5.43
CA TYR A 8 15.68 -5.77 4.44
C TYR A 8 15.23 -5.01 3.20
N LEU A 9 15.70 -5.48 2.04
CA LEU A 9 15.45 -4.85 0.75
C LEU A 9 14.60 -5.80 -0.04
N GLY A 10 13.71 -5.22 -0.83
CA GLY A 10 12.92 -5.97 -1.78
C GLY A 10 13.41 -5.64 -3.17
N LEU A 11 13.73 -6.69 -3.94
CA LEU A 11 14.24 -6.51 -5.32
C LEU A 11 13.23 -7.09 -6.32
N GLY A 12 13.03 -6.40 -7.43
CA GLY A 12 12.21 -6.90 -8.54
C GLY A 12 12.81 -6.61 -9.89
N SER A 13 12.48 -7.44 -10.87
CA SER A 13 12.84 -7.25 -12.28
C SER A 13 11.77 -7.90 -13.17
N ASN A 14 11.24 -7.20 -14.15
CA ASN A 14 10.31 -7.84 -15.12
C ASN A 14 10.57 -7.42 -16.56
N ILE A 15 11.82 -7.14 -16.86
CA ILE A 15 12.26 -7.00 -18.25
C ILE A 15 13.77 -7.32 -18.34
N GLY A 16 14.20 -7.81 -19.49
CA GLY A 16 15.59 -8.19 -19.67
C GLY A 16 15.79 -9.57 -19.09
N ASP A 17 17.05 -9.90 -18.84
CA ASP A 17 17.40 -11.12 -18.20
C ASP A 17 17.20 -10.86 -16.70
N ARG A 18 16.03 -11.25 -16.21
CA ARG A 18 15.59 -10.87 -14.85
C ARG A 18 16.52 -11.42 -13.78
N GLU A 19 16.84 -12.70 -13.87
CA GLU A 19 17.68 -13.34 -12.84
C GLU A 19 19.09 -12.76 -12.81
N SER A 20 19.66 -12.55 -14.00
CA SER A 20 21.02 -12.01 -14.09
C SER A 20 21.08 -10.58 -13.56
N GLN A 21 20.04 -9.81 -13.82
CA GLN A 21 20.01 -8.43 -13.31
C GLN A 21 19.86 -8.40 -11.79
N LEU A 22 19.04 -9.29 -11.24
CA LEU A 22 18.90 -9.41 -9.77
C LEU A 22 20.21 -9.81 -9.08
N ASN A 23 20.91 -10.78 -9.66
CA ASN A 23 22.21 -11.19 -9.15
C ASN A 23 23.28 -10.09 -9.28
N ASP A 24 23.31 -9.40 -10.41
CA ASP A 24 24.17 -8.23 -10.54
C ASP A 24 23.85 -7.16 -9.49
N ALA A 25 22.57 -6.86 -9.30
CA ALA A 25 22.13 -5.88 -8.29
C ALA A 25 22.63 -6.24 -6.86
N ILE A 26 22.52 -7.51 -6.48
CA ILE A 26 22.98 -7.97 -5.15
C ILE A 26 24.51 -7.71 -4.97
N LYS A 27 25.26 -8.04 -6.01
CA LYS A 27 26.71 -7.89 -5.99
C LYS A 27 27.08 -6.39 -5.84
N ILE A 28 26.35 -5.54 -6.54
CA ILE A 28 26.62 -4.11 -6.48
C ILE A 28 26.26 -3.57 -5.11
N LEU A 29 25.10 -3.95 -4.59
CA LEU A 29 24.74 -3.54 -3.24
C LEU A 29 25.77 -3.94 -2.18
N ASN A 30 26.28 -5.16 -2.28
CA ASN A 30 27.22 -5.66 -1.31
C ASN A 30 28.57 -4.95 -1.40
N GLU A 31 28.85 -4.37 -2.58
CA GLU A 31 30.08 -3.64 -2.81
C GLU A 31 30.14 -2.21 -2.30
N TYR A 32 29.02 -1.61 -1.92
CA TYR A 32 29.09 -0.28 -1.22
C TYR A 32 29.72 -0.43 0.14
N ASP A 33 30.59 0.47 0.54
CA ASP A 33 30.99 0.50 1.94
C ASP A 33 29.78 0.89 2.77
N GLY A 34 29.69 0.27 3.92
CA GLY A 34 28.55 0.43 4.82
C GLY A 34 27.38 -0.49 4.57
N ILE A 35 27.44 -1.34 3.54
CA ILE A 35 26.42 -2.35 3.27
C ILE A 35 27.08 -3.72 3.11
N SER A 36 26.61 -4.71 3.83
CA SER A 36 27.10 -6.09 3.70
C SER A 36 25.86 -6.94 3.55
N VAL A 37 25.73 -7.67 2.45
CA VAL A 37 24.62 -8.59 2.27
C VAL A 37 24.87 -9.82 3.13
N SER A 38 23.94 -10.12 4.04
CA SER A 38 24.08 -11.27 4.94
C SER A 38 23.13 -12.44 4.62
N ASN A 39 22.07 -12.23 3.85
CA ASN A 39 21.19 -13.32 3.44
C ASN A 39 20.37 -12.92 2.26
N ILE A 40 20.00 -13.89 1.45
CA ILE A 40 19.22 -13.68 0.25
C ILE A 40 18.14 -14.76 0.20
N SER A 41 16.89 -14.34 -0.02
CA SER A 41 15.81 -15.31 -0.19
C SER A 41 15.92 -16.11 -1.48
N PRO A 42 15.16 -17.21 -1.56
CA PRO A 42 14.88 -17.74 -2.90
C PRO A 42 14.27 -16.69 -3.84
N ILE A 43 14.42 -16.92 -5.13
CA ILE A 43 13.80 -16.10 -6.15
C ILE A 43 12.40 -16.63 -6.38
N TYR A 44 11.44 -15.72 -6.48
CA TYR A 44 10.05 -16.06 -6.81
C TYR A 44 9.62 -15.38 -8.12
N GLU A 45 8.86 -16.09 -8.96
CA GLU A 45 8.18 -15.46 -10.08
C GLU A 45 6.79 -15.06 -9.60
N THR A 46 6.42 -13.82 -9.88
CA THR A 46 5.24 -13.22 -9.29
C THR A 46 4.39 -12.49 -10.32
N ALA A 47 3.07 -12.66 -10.24
CA ALA A 47 2.14 -11.89 -11.06
C ALA A 47 2.19 -10.42 -10.65
N PRO A 48 2.25 -9.49 -11.65
CA PRO A 48 2.28 -8.06 -11.35
C PRO A 48 1.02 -7.64 -10.63
N VAL A 49 1.16 -6.75 -9.65
CA VAL A 49 -0.03 -6.19 -8.99
C VAL A 49 -0.01 -4.70 -9.10
N GLY A 50 -1.21 -4.11 -9.00
CA GLY A 50 -1.38 -2.66 -8.86
C GLY A 50 -1.35 -1.89 -10.16
N TYR A 51 -1.41 -2.60 -11.29
CA TYR A 51 -1.30 -1.96 -12.58
C TYR A 51 -2.03 -2.81 -13.65
N THR A 52 -1.70 -2.65 -14.91
CA THR A 52 -2.37 -3.42 -15.98
C THR A 52 -1.65 -4.78 -16.11
N GLU A 53 -2.09 -5.61 -17.03
CA GLU A 53 -1.33 -6.76 -17.47
C GLU A 53 0.09 -6.38 -17.86
N GLN A 54 1.04 -7.01 -17.24
CA GLN A 54 2.44 -6.72 -17.48
C GLN A 54 3.23 -8.01 -17.41
N PRO A 55 4.46 -8.00 -17.93
CA PRO A 55 5.30 -9.20 -17.77
C PRO A 55 5.50 -9.57 -16.30
N ASN A 56 5.57 -10.87 -16.03
CA ASN A 56 5.77 -11.36 -14.67
C ASN A 56 7.11 -10.91 -14.11
N PHE A 57 7.13 -10.71 -12.80
CA PHE A 57 8.36 -10.27 -12.10
C PHE A 57 9.10 -11.48 -11.58
N LEU A 58 10.43 -11.32 -11.45
CA LEU A 58 11.18 -12.08 -10.46
C LEU A 58 11.39 -11.12 -9.29
N ASN A 59 11.07 -11.61 -8.09
CA ASN A 59 11.23 -10.89 -6.86
C ASN A 59 12.01 -11.75 -5.87
N LEU A 60 12.74 -11.05 -5.00
CA LEU A 60 13.40 -11.64 -3.88
C LEU A 60 13.58 -10.56 -2.78
N CYS A 61 14.04 -11.01 -1.60
CA CYS A 61 14.45 -10.13 -0.54
C CYS A 61 15.87 -10.43 -0.14
N VAL A 62 16.52 -9.38 0.37
CA VAL A 62 17.88 -9.44 0.82
C VAL A 62 17.96 -8.84 2.21
N GLU A 63 18.74 -9.51 3.05
CA GLU A 63 19.10 -8.98 4.35
C GLU A 63 20.45 -8.33 4.24
N ILE A 64 20.55 -7.10 4.77
CA ILE A 64 21.81 -6.42 4.91
C ILE A 64 22.13 -6.00 6.34
N GLN A 65 23.42 -5.90 6.61
CA GLN A 65 23.94 -5.32 7.84
C GLN A 65 24.53 -4.01 7.36
N THR A 66 24.07 -2.89 7.90
CA THR A 66 24.48 -1.60 7.40
C THR A 66 24.86 -0.60 8.48
N THR A 67 25.86 0.21 8.19
CA THR A 67 26.21 1.35 9.03
C THR A 67 25.76 2.65 8.37
N LEU A 68 25.03 2.57 7.26
CA LEU A 68 24.56 3.78 6.59
C LEU A 68 23.29 4.24 7.25
N THR A 69 23.05 5.56 7.21
CA THR A 69 21.73 6.11 7.61
C THR A 69 20.71 5.62 6.57
N VAL A 70 19.44 5.71 6.89
CA VAL A 70 18.43 5.23 5.97
C VAL A 70 18.43 6.02 4.63
N LEU A 71 18.71 7.33 4.66
CA LEU A 71 18.79 8.09 3.39
C LEU A 71 20.06 7.78 2.59
N GLN A 72 21.17 7.52 3.28
CA GLN A 72 22.38 7.01 2.58
C GLN A 72 22.07 5.67 1.91
N LEU A 73 21.38 4.78 2.62
CA LEU A 73 20.97 3.51 2.05
C LEU A 73 20.06 3.70 0.82
N LEU A 74 19.09 4.60 0.92
CA LEU A 74 18.23 4.86 -0.24
C LEU A 74 19.09 5.30 -1.45
N GLU A 75 20.10 6.16 -1.23
CA GLU A 75 20.94 6.61 -2.35
C GLU A 75 21.63 5.41 -3.05
N CYS A 76 22.15 4.46 -2.25
CA CYS A 76 22.80 3.26 -2.78
C CYS A 76 21.80 2.38 -3.57
N CYS A 77 20.59 2.23 -3.04
CA CYS A 77 19.55 1.49 -3.76
C CYS A 77 19.22 2.09 -5.14
N LEU A 78 19.03 3.41 -5.18
CA LEU A 78 18.70 4.11 -6.42
C LEU A 78 19.86 4.11 -7.42
N LYS A 79 21.07 4.26 -6.92
CA LYS A 79 22.24 4.15 -7.76
C LYS A 79 22.36 2.76 -8.39
N THR A 80 22.02 1.72 -7.64
CA THR A 80 22.08 0.39 -8.15
C THR A 80 21.08 0.26 -9.32
N GLU A 81 19.91 0.85 -9.18
CA GLU A 81 18.93 0.86 -10.26
C GLU A 81 19.47 1.54 -11.53
N GLU A 82 20.14 2.66 -11.33
CA GLU A 82 20.84 3.38 -12.41
C GLU A 82 21.90 2.50 -13.04
N CYS A 83 22.68 1.78 -12.24
CA CYS A 83 23.66 0.82 -12.80
C CYS A 83 23.00 -0.21 -13.72
N LEU A 84 21.77 -0.62 -13.39
CA LEU A 84 21.02 -1.60 -14.18
C LEU A 84 20.12 -0.96 -15.26
N HIS A 85 20.33 0.34 -15.53
CA HIS A 85 19.73 1.10 -16.63
C HIS A 85 18.21 1.16 -16.56
N ARG A 86 17.68 1.21 -15.36
CA ARG A 86 16.26 1.39 -15.21
C ARG A 86 15.79 2.64 -15.93
N ILE A 87 14.71 2.46 -16.69
CA ILE A 87 14.06 3.50 -17.46
C ILE A 87 12.96 4.13 -16.61
N ARG A 88 12.81 5.42 -16.68
CA ARG A 88 11.75 6.13 -15.98
C ARG A 88 11.04 7.07 -16.96
N LYS A 89 9.94 6.60 -17.50
CA LYS A 89 9.12 7.33 -18.47
C LYS A 89 7.91 7.95 -17.79
N GLU A 90 7.12 8.70 -18.54
CA GLU A 90 5.92 9.40 -18.06
C GLU A 90 4.93 8.43 -17.37
N ARG A 91 4.77 7.22 -17.91
CA ARG A 91 3.96 6.16 -17.31
C ARG A 91 4.81 5.04 -16.79
N TRP A 92 4.33 4.36 -15.74
CA TRP A 92 5.01 3.17 -15.26
C TRP A 92 5.08 2.13 -16.33
N GLY A 93 6.14 1.34 -16.27
CA GLY A 93 6.27 0.23 -17.18
C GLY A 93 7.25 -0.78 -16.62
N PRO A 94 7.50 -1.84 -17.39
CA PRO A 94 8.47 -2.83 -16.94
C PRO A 94 9.81 -2.18 -16.57
N ARG A 95 10.49 -2.75 -15.59
CA ARG A 95 11.76 -2.23 -15.09
C ARG A 95 12.84 -3.33 -14.98
N THR A 96 14.07 -2.98 -15.36
CA THR A 96 15.20 -3.88 -15.22
C THR A 96 15.45 -4.24 -13.74
N LEU A 97 15.33 -3.23 -12.88
CA LEU A 97 15.59 -3.39 -11.45
C LEU A 97 14.82 -2.37 -10.61
N ASP A 98 14.18 -2.86 -9.54
CA ASP A 98 13.57 -2.10 -8.52
C ASP A 98 14.19 -2.55 -7.19
N VAL A 99 14.73 -1.60 -6.43
CA VAL A 99 15.31 -1.86 -5.11
C VAL A 99 14.58 -1.00 -4.11
N ASP A 100 13.80 -1.66 -3.24
CA ASP A 100 12.94 -1.02 -2.25
C ASP A 100 13.42 -1.34 -0.84
N ILE A 101 13.50 -0.32 0.03
CA ILE A 101 13.81 -0.52 1.42
C ILE A 101 12.52 -0.95 2.12
N LEU A 102 12.52 -2.17 2.63
CA LEU A 102 11.32 -2.73 3.28
C LEU A 102 11.32 -2.38 4.74
N LEU A 103 12.45 -2.65 5.40
CA LEU A 103 12.60 -2.49 6.83
C LEU A 103 13.99 -1.97 7.13
N TYR A 104 14.09 -1.03 8.07
CA TYR A 104 15.36 -0.51 8.53
C TYR A 104 15.34 -0.62 10.06
N GLY A 105 15.95 -1.69 10.56
CA GLY A 105 15.87 -2.01 11.97
C GLY A 105 14.40 -2.06 12.32
N GLU A 106 14.02 -1.41 13.42
CA GLU A 106 12.61 -1.24 13.78
C GLU A 106 12.21 0.22 13.63
N GLU A 107 12.92 0.97 12.79
CA GLU A 107 12.63 2.40 12.63
C GLU A 107 11.38 2.59 11.76
N MET A 108 10.68 3.69 12.04
CA MET A 108 9.60 4.20 11.21
C MET A 108 9.98 5.59 10.75
N ILE A 109 10.11 5.75 9.44
CA ILE A 109 10.58 6.97 8.79
C ILE A 109 9.50 7.41 7.82
N ASP A 110 9.05 8.65 7.89
CA ASP A 110 8.09 9.16 6.91
C ASP A 110 8.60 10.49 6.41
N LEU A 111 9.32 10.45 5.30
CA LEU A 111 9.84 11.66 4.69
C LEU A 111 9.33 11.75 3.28
N PRO A 112 9.37 12.96 2.70
CA PRO A 112 8.86 13.08 1.32
C PRO A 112 9.46 12.03 0.38
N LYS A 113 10.76 11.82 0.43
CA LYS A 113 11.36 10.86 -0.48
C LYS A 113 11.54 9.45 0.05
N LEU A 114 11.01 9.16 1.21
CA LEU A 114 11.28 7.89 1.88
C LEU A 114 10.24 7.50 2.93
N SER A 115 9.64 6.32 2.76
CA SER A 115 8.74 5.75 3.76
C SER A 115 9.20 4.37 4.07
N VAL A 116 9.51 4.17 5.34
CA VAL A 116 9.94 2.86 5.87
C VAL A 116 9.22 2.64 7.20
N PRO A 117 8.63 1.48 7.45
CA PRO A 117 8.52 0.35 6.52
C PRO A 117 7.80 0.72 5.23
N HIS A 118 8.19 0.05 4.15
CA HIS A 118 7.59 0.31 2.86
C HIS A 118 6.06 0.31 3.05
N PRO A 119 5.37 1.35 2.58
CA PRO A 119 3.92 1.52 2.79
C PRO A 119 2.96 0.43 2.29
N ARG A 120 3.41 -0.36 1.34
CA ARG A 120 2.58 -1.46 0.76
C ARG A 120 2.98 -2.87 1.14
N MET A 121 4.07 -3.04 1.89
CA MET A 121 4.68 -4.38 2.01
C MET A 121 3.74 -5.38 2.71
N ASN A 122 2.89 -4.93 3.62
CA ASN A 122 2.13 -5.84 4.47
C ASN A 122 0.97 -6.52 3.72
N GLU A 123 0.68 -6.02 2.51
CA GLU A 123 -0.38 -6.55 1.67
C GLU A 123 0.16 -7.12 0.36
N ARG A 124 1.45 -7.41 0.30
CA ARG A 124 2.11 -7.89 -0.91
C ARG A 124 2.73 -9.26 -0.69
N ALA A 125 2.13 -10.30 -1.28
CA ALA A 125 2.74 -11.63 -1.23
C ALA A 125 4.15 -11.64 -1.85
N PHE A 126 4.40 -10.85 -2.90
CA PHE A 126 5.68 -10.86 -3.58
C PHE A 126 6.81 -10.34 -2.69
N VAL A 127 6.45 -9.59 -1.63
CA VAL A 127 7.38 -9.18 -0.60
C VAL A 127 7.39 -10.21 0.53
N LEU A 128 6.22 -10.47 1.11
CA LEU A 128 6.14 -11.20 2.37
C LEU A 128 6.60 -12.65 2.29
N ILE A 129 6.34 -13.31 1.17
CA ILE A 129 6.74 -14.69 1.02
C ILE A 129 8.28 -14.83 1.05
N PRO A 130 9.00 -14.11 0.16
CA PRO A 130 10.46 -14.20 0.25
C PRO A 130 11.01 -13.57 1.54
N LEU A 131 10.38 -12.52 2.05
CA LEU A 131 10.83 -11.90 3.29
C LEU A 131 10.73 -12.91 4.44
N ASN A 132 9.65 -13.69 4.46
CA ASN A 132 9.47 -14.73 5.47
C ASN A 132 10.56 -15.82 5.41
N ASP A 133 11.13 -16.08 4.23
CA ASP A 133 12.23 -17.05 4.11
C ASP A 133 13.48 -16.61 4.90
N ILE A 134 13.70 -15.29 5.06
CA ILE A 134 14.92 -14.76 5.69
C ILE A 134 14.69 -13.90 6.93
N ALA A 135 13.42 -13.57 7.23
CA ALA A 135 13.11 -12.64 8.32
C ALA A 135 11.81 -12.98 9.06
N ALA A 136 11.53 -14.28 9.18
CA ALA A 136 10.32 -14.78 9.80
C ALA A 136 10.05 -14.19 11.18
N ASN A 137 11.09 -14.03 11.99
CA ASN A 137 10.94 -13.50 13.34
C ASN A 137 11.22 -12.02 13.49
N VAL A 138 11.44 -11.32 12.39
CA VAL A 138 11.64 -9.87 12.42
C VAL A 138 10.29 -9.16 12.61
N VAL A 139 10.28 -8.15 13.46
CA VAL A 139 9.04 -7.44 13.78
C VAL A 139 8.89 -6.28 12.80
N GLU A 140 7.70 -6.20 12.21
CA GLU A 140 7.32 -5.07 11.40
C GLU A 140 6.73 -4.04 12.37
N PRO A 141 7.38 -2.87 12.54
CA PRO A 141 7.07 -2.02 13.69
C PRO A 141 5.75 -1.25 13.64
N ARG A 142 5.12 -1.11 12.47
CA ARG A 142 3.81 -0.44 12.43
C ARG A 142 2.73 -1.36 12.99
N SER A 143 2.63 -2.57 12.43
CA SER A 143 1.68 -3.57 12.90
C SER A 143 2.10 -4.17 14.24
N LYS A 144 3.40 -4.16 14.53
CA LYS A 144 4.02 -4.86 15.65
C LYS A 144 3.93 -6.37 15.54
N LEU A 145 3.74 -6.89 14.33
CA LEU A 145 3.68 -8.31 14.11
C LEU A 145 5.00 -8.78 13.52
N LYS A 146 5.33 -10.03 13.80
CA LYS A 146 6.46 -10.66 13.08
C LYS A 146 6.05 -10.93 11.65
N VAL A 147 7.02 -10.88 10.74
CA VAL A 147 6.78 -11.20 9.34
C VAL A 147 6.02 -12.55 9.23
N LYS A 148 6.38 -13.55 10.04
CA LYS A 148 5.71 -14.86 9.92
C LYS A 148 4.24 -14.80 10.26
N ASP A 149 3.81 -13.75 10.96
CA ASP A 149 2.38 -13.52 11.24
C ASP A 149 1.66 -12.63 10.24
N LEU A 150 2.38 -12.01 9.33
CA LEU A 150 1.83 -11.24 8.24
C LEU A 150 1.72 -12.04 6.95
N VAL A 151 2.68 -12.94 6.73
CA VAL A 151 2.74 -13.67 5.45
C VAL A 151 1.45 -14.45 5.21
N PHE A 152 1.00 -14.51 3.96
CA PHE A 152 -0.17 -15.32 3.60
C PHE A 152 0.09 -16.09 2.31
N VAL A 153 -0.65 -17.19 2.14
CA VAL A 153 -0.49 -18.05 0.96
C VAL A 153 -1.00 -17.25 -0.26
N ASP A 154 -0.28 -17.31 -1.37
CA ASP A 154 -0.73 -16.66 -2.60
C ASP A 154 -0.21 -17.46 -3.78
N ASP A 155 -1.15 -17.99 -4.56
CA ASP A 155 -0.85 -18.81 -5.71
C ASP A 155 -0.15 -18.05 -6.83
N SER A 156 -0.23 -16.71 -6.83
CA SER A 156 0.42 -15.87 -7.85
C SER A 156 1.91 -15.66 -7.56
N VAL A 157 2.44 -16.26 -6.49
CA VAL A 157 3.85 -16.18 -6.17
C VAL A 157 4.39 -17.60 -6.15
N LYS A 158 5.33 -17.92 -7.05
CA LYS A 158 5.89 -19.25 -7.18
C LYS A 158 7.41 -19.24 -7.16
N ARG A 159 7.99 -20.24 -6.51
CA ARG A 159 9.42 -20.42 -6.49
C ARG A 159 9.91 -20.52 -7.93
N TYR A 160 10.92 -19.73 -8.27
CA TYR A 160 11.41 -19.73 -9.63
C TYR A 160 12.50 -20.80 -9.81
N MET B 4 -15.25 23.62 -7.18
CA MET B 4 -15.81 22.31 -6.77
C MET B 4 -14.93 21.14 -7.22
N ILE B 5 -14.50 20.32 -6.27
CA ILE B 5 -13.63 19.19 -6.56
C ILE B 5 -14.39 17.90 -6.33
N GLN B 6 -14.23 16.95 -7.24
CA GLN B 6 -14.81 15.63 -7.08
C GLN B 6 -13.81 14.78 -6.31
N ALA B 7 -14.21 14.30 -5.12
CA ALA B 7 -13.37 13.43 -4.30
C ALA B 7 -14.07 12.13 -3.93
N TYR B 8 -13.27 11.13 -3.55
CA TYR B 8 -13.76 9.79 -3.25
C TYR B 8 -13.21 9.38 -1.90
N LEU B 9 -14.10 8.91 -1.06
CA LEU B 9 -13.78 8.48 0.26
C LEU B 9 -14.03 6.96 0.34
N GLY B 10 -13.19 6.31 1.12
CA GLY B 10 -13.34 4.90 1.46
C GLY B 10 -13.74 4.79 2.90
N LEU B 11 -14.83 4.07 3.15
CA LEU B 11 -15.37 3.88 4.50
C LEU B 11 -15.33 2.42 4.89
N GLY B 12 -15.00 2.16 6.15
CA GLY B 12 -14.98 0.81 6.70
C GLY B 12 -15.46 0.78 8.13
N SER B 13 -16.03 -0.37 8.50
CA SER B 13 -16.48 -0.63 9.89
C SER B 13 -16.39 -2.12 10.15
N ASN B 14 -15.78 -2.54 11.25
CA ASN B 14 -15.83 -3.97 11.63
C ASN B 14 -16.13 -4.23 13.11
N ILE B 15 -16.86 -3.32 13.73
CA ILE B 15 -17.38 -3.54 15.08
C ILE B 15 -18.64 -2.70 15.26
N GLY B 16 -19.57 -3.20 16.06
CA GLY B 16 -20.87 -2.54 16.24
C GLY B 16 -21.82 -2.93 15.11
N ASP B 17 -22.88 -2.12 14.95
CA ASP B 17 -23.80 -2.22 13.84
C ASP B 17 -23.11 -1.52 12.64
N ARG B 18 -22.44 -2.31 11.82
CA ARG B 18 -21.52 -1.81 10.81
C ARG B 18 -22.24 -1.01 9.74
N GLU B 19 -23.38 -1.52 9.27
CA GLU B 19 -24.16 -0.81 8.25
C GLU B 19 -24.73 0.53 8.78
N SER B 20 -25.30 0.51 9.97
CA SER B 20 -25.86 1.74 10.53
C SER B 20 -24.80 2.78 10.75
N GLN B 21 -23.60 2.35 11.17
CA GLN B 21 -22.53 3.29 11.46
C GLN B 21 -22.01 3.91 10.15
N LEU B 22 -21.95 3.09 9.11
CA LEU B 22 -21.58 3.59 7.78
C LEU B 22 -22.60 4.61 7.26
N ASN B 23 -23.87 4.29 7.39
CA ASN B 23 -24.93 5.22 6.98
C ASN B 23 -24.90 6.53 7.79
N ASP B 24 -24.73 6.42 9.11
CA ASP B 24 -24.60 7.61 9.97
C ASP B 24 -23.43 8.46 9.51
N ALA B 25 -22.29 7.83 9.26
CA ALA B 25 -21.10 8.52 8.80
C ALA B 25 -21.37 9.32 7.50
N ILE B 26 -22.05 8.69 6.55
CA ILE B 26 -22.38 9.36 5.28
C ILE B 26 -23.25 10.63 5.52
N LYS B 27 -24.20 10.51 6.41
CA LYS B 27 -25.14 11.59 6.72
C LYS B 27 -24.40 12.74 7.38
N ILE B 28 -23.45 12.41 8.24
CA ILE B 28 -22.65 13.42 8.91
C ILE B 28 -21.74 14.11 7.90
N LEU B 29 -21.08 13.34 7.06
CA LEU B 29 -20.22 13.93 6.02
C LEU B 29 -21.00 14.93 5.12
N ASN B 30 -22.19 14.50 4.71
CA ASN B 30 -23.02 15.29 3.81
C ASN B 30 -23.53 16.56 4.48
N GLU B 31 -23.59 16.56 5.81
CA GLU B 31 -23.98 17.74 6.57
C GLU B 31 -22.93 18.83 6.76
N TYR B 32 -21.65 18.57 6.52
CA TYR B 32 -20.66 19.67 6.58
C TYR B 32 -20.92 20.66 5.43
N ASP B 33 -20.78 21.95 5.69
CA ASP B 33 -20.67 22.89 4.60
C ASP B 33 -19.39 22.59 3.81
N GLY B 34 -19.50 22.73 2.50
CA GLY B 34 -18.40 22.41 1.59
C GLY B 34 -18.28 20.99 1.14
N ILE B 35 -19.12 20.09 1.65
CA ILE B 35 -19.19 18.69 1.22
C ILE B 35 -20.63 18.32 0.85
N SER B 36 -20.83 17.74 -0.32
CA SER B 36 -22.14 17.23 -0.74
C SER B 36 -21.87 15.80 -1.23
N VAL B 37 -22.51 14.80 -0.65
CA VAL B 37 -22.37 13.42 -1.12
C VAL B 37 -23.19 13.27 -2.39
N SER B 38 -22.54 12.89 -3.48
CA SER B 38 -23.23 12.74 -4.77
C SER B 38 -23.44 11.31 -5.20
N ASN B 39 -22.72 10.35 -4.61
CA ASN B 39 -22.97 8.94 -4.94
C ASN B 39 -22.42 8.05 -3.84
N ILE B 40 -23.01 6.87 -3.69
CA ILE B 40 -22.60 5.89 -2.71
C ILE B 40 -22.59 4.51 -3.39
N SER B 41 -21.47 3.77 -3.25
CA SER B 41 -21.42 2.40 -3.76
C SER B 41 -22.29 1.43 -3.00
N PRO B 42 -22.57 0.25 -3.59
CA PRO B 42 -23.02 -0.86 -2.75
C PRO B 42 -22.08 -1.14 -1.59
N ILE B 43 -22.62 -1.76 -0.56
CA ILE B 43 -21.84 -2.15 0.60
C ILE B 43 -21.33 -3.57 0.36
N TYR B 44 -20.06 -3.77 0.66
CA TYR B 44 -19.41 -5.09 0.56
C TYR B 44 -18.96 -5.57 1.94
N GLU B 45 -19.06 -6.86 2.19
CA GLU B 45 -18.45 -7.50 3.36
C GLU B 45 -17.11 -8.04 2.90
N THR B 46 -16.06 -7.71 3.65
CA THR B 46 -14.69 -7.93 3.20
C THR B 46 -13.84 -8.57 4.29
N ALA B 47 -13.02 -9.56 3.91
CA ALA B 47 -12.04 -10.14 4.84
C ALA B 47 -10.98 -9.07 5.18
N PRO B 48 -10.62 -8.99 6.47
CA PRO B 48 -9.53 -8.05 6.87
C PRO B 48 -8.22 -8.39 6.20
N VAL B 49 -7.49 -7.39 5.71
CA VAL B 49 -6.14 -7.62 5.17
C VAL B 49 -5.11 -6.84 5.97
N GLY B 50 -3.88 -7.33 5.93
CA GLY B 50 -2.71 -6.61 6.44
C GLY B 50 -2.49 -6.74 7.93
N TYR B 51 -3.20 -7.66 8.60
CA TYR B 51 -3.10 -7.80 10.06
C TYR B 51 -3.41 -9.25 10.52
N THR B 52 -3.84 -9.45 11.77
CA THR B 52 -4.20 -10.80 12.21
C THR B 52 -5.66 -11.11 11.78
N GLU B 53 -6.17 -12.25 12.19
CA GLU B 53 -7.58 -12.53 12.12
C GLU B 53 -8.35 -11.50 12.91
N GLN B 54 -9.29 -10.90 12.23
CA GLN B 54 -10.12 -9.86 12.82
C GLN B 54 -11.55 -10.02 12.31
N PRO B 55 -12.52 -9.40 12.99
CA PRO B 55 -13.87 -9.44 12.45
C PRO B 55 -13.95 -8.86 11.03
N ASN B 56 -14.82 -9.42 10.21
CA ASN B 56 -15.03 -8.94 8.85
C ASN B 56 -15.53 -7.48 8.81
N PHE B 57 -15.11 -6.75 7.78
CA PHE B 57 -15.53 -5.37 7.57
C PHE B 57 -16.74 -5.31 6.70
N LEU B 58 -17.51 -4.25 6.87
CA LEU B 58 -18.31 -3.69 5.78
C LEU B 58 -17.50 -2.51 5.23
N ASN B 59 -17.35 -2.45 3.92
CA ASN B 59 -16.67 -1.38 3.22
C ASN B 59 -17.56 -0.83 2.10
N LEU B 60 -17.41 0.47 1.85
CA LEU B 60 -18.03 1.13 0.71
C LEU B 60 -17.17 2.31 0.29
N CYS B 61 -17.52 2.89 -0.86
CA CYS B 61 -16.99 4.16 -1.27
C CYS B 61 -18.10 5.19 -1.46
N VAL B 62 -17.70 6.42 -1.30
CA VAL B 62 -18.55 7.54 -1.45
C VAL B 62 -17.94 8.61 -2.38
N GLU B 63 -18.74 9.16 -3.27
CA GLU B 63 -18.36 10.29 -4.08
C GLU B 63 -18.86 11.54 -3.42
N ILE B 64 -17.98 12.54 -3.31
CA ILE B 64 -18.35 13.89 -2.86
C ILE B 64 -17.97 14.99 -3.84
N GLN B 65 -18.77 16.05 -3.80
CA GLN B 65 -18.45 17.29 -4.50
C GLN B 65 -18.08 18.22 -3.37
N THR B 66 -16.88 18.80 -3.42
CA THR B 66 -16.39 19.59 -2.30
C THR B 66 -15.72 20.91 -2.71
N THR B 67 -15.90 21.93 -1.88
CA THR B 67 -15.16 23.19 -2.02
C THR B 67 -14.12 23.32 -0.90
N LEU B 68 -13.96 22.27 -0.10
CA LEU B 68 -12.96 22.33 1.00
C LEU B 68 -11.60 21.99 0.40
N THR B 69 -10.56 22.55 1.02
CA THR B 69 -9.20 22.12 0.72
C THR B 69 -9.05 20.67 1.18
N VAL B 70 -8.01 19.98 0.71
CA VAL B 70 -7.85 18.60 1.08
C VAL B 70 -7.62 18.43 2.60
N LEU B 71 -6.91 19.36 3.24
CA LEU B 71 -6.72 19.29 4.69
C LEU B 71 -7.99 19.60 5.46
N GLN B 72 -8.81 20.52 4.96
CA GLN B 72 -10.12 20.74 5.57
C GLN B 72 -10.97 19.47 5.46
N LEU B 73 -10.92 18.84 4.30
CA LEU B 73 -11.63 17.57 4.09
C LEU B 73 -11.14 16.47 5.06
N LEU B 74 -9.81 16.34 5.22
CA LEU B 74 -9.29 15.41 6.22
C LEU B 74 -9.84 15.68 7.61
N GLU B 75 -9.90 16.95 8.02
CA GLU B 75 -10.42 17.26 9.34
C GLU B 75 -11.87 16.76 9.49
N CYS B 76 -12.69 17.00 8.47
CA CYS B 76 -14.07 16.52 8.46
C CYS B 76 -14.17 15.01 8.55
N CYS B 77 -13.30 14.31 7.83
CA CYS B 77 -13.26 12.84 7.90
C CYS B 77 -12.94 12.31 9.33
N LEU B 78 -11.92 12.90 9.95
CA LEU B 78 -11.48 12.50 11.29
C LEU B 78 -12.50 12.85 12.35
N LYS B 79 -13.10 14.02 12.23
CA LYS B 79 -14.23 14.39 13.11
C LYS B 79 -15.40 13.40 13.00
N THR B 80 -15.69 12.97 11.79
CA THR B 80 -16.76 11.99 11.58
C THR B 80 -16.42 10.70 12.32
N GLU B 81 -15.15 10.27 12.25
CA GLU B 81 -14.71 9.08 13.02
C GLU B 81 -14.93 9.24 14.52
N GLU B 82 -14.55 10.41 15.04
CA GLU B 82 -14.81 10.78 16.42
C GLU B 82 -16.31 10.75 16.74
N CYS B 83 -17.15 11.31 15.88
CA CYS B 83 -18.62 11.21 16.06
C CYS B 83 -19.10 9.76 16.15
N LEU B 84 -18.44 8.84 15.41
CA LEU B 84 -18.74 7.40 15.49
C LEU B 84 -17.92 6.61 16.55
N HIS B 85 -17.25 7.33 17.45
CA HIS B 85 -16.59 6.76 18.61
C HIS B 85 -15.49 5.79 18.28
N ARG B 86 -14.79 6.04 17.20
CA ARG B 86 -13.61 5.27 16.95
C ARG B 86 -12.54 5.40 18.05
N ILE B 87 -12.05 4.25 18.47
CA ILE B 87 -11.03 4.14 19.52
C ILE B 87 -9.73 3.94 18.79
N ARG B 88 -8.77 4.80 19.07
CA ARG B 88 -7.39 4.55 18.68
C ARG B 88 -6.46 4.15 19.83
N LYS B 89 -6.02 2.91 19.80
CA LYS B 89 -5.16 2.36 20.86
C LYS B 89 -3.75 2.07 20.37
N GLU B 90 -2.88 1.69 21.31
CA GLU B 90 -1.47 1.35 21.04
C GLU B 90 -1.31 0.32 19.91
N ARG B 91 -2.15 -0.72 19.91
CA ARG B 91 -2.17 -1.71 18.83
C ARG B 91 -3.40 -1.53 18.00
N TRP B 92 -3.26 -1.82 16.72
CA TRP B 92 -4.41 -1.73 15.83
C TRP B 92 -5.46 -2.72 16.27
N GLY B 93 -6.71 -2.38 16.00
CA GLY B 93 -7.83 -3.26 16.35
C GLY B 93 -9.08 -2.84 15.60
N PRO B 94 -10.19 -3.56 15.88
CA PRO B 94 -11.45 -3.26 15.20
C PRO B 94 -11.86 -1.80 15.42
N ARG B 95 -12.56 -1.21 14.44
CA ARG B 95 -12.96 0.17 14.48
C ARG B 95 -14.44 0.33 14.07
N THR B 96 -15.11 1.24 14.75
CA THR B 96 -16.49 1.57 14.42
C THR B 96 -16.58 2.22 13.04
N LEU B 97 -15.60 3.06 12.73
CA LEU B 97 -15.56 3.79 11.49
C LEU B 97 -14.14 4.19 11.11
N ASP B 98 -13.80 3.95 9.84
CA ASP B 98 -12.60 4.46 9.19
C ASP B 98 -13.03 5.25 7.95
N VAL B 99 -12.61 6.51 7.85
CA VAL B 99 -12.91 7.36 6.69
C VAL B 99 -11.60 7.77 6.09
N ASP B 100 -11.33 7.25 4.91
CA ASP B 100 -10.05 7.45 4.21
C ASP B 100 -10.26 8.24 2.93
N ILE B 101 -9.46 9.26 2.71
CA ILE B 101 -9.52 10.02 1.45
C ILE B 101 -8.79 9.17 0.43
N LEU B 102 -9.53 8.69 -0.57
CA LEU B 102 -8.94 7.90 -1.62
C LEU B 102 -8.36 8.76 -2.71
N LEU B 103 -9.18 9.70 -3.19
CA LEU B 103 -8.84 10.54 -4.34
C LEU B 103 -9.38 11.92 -4.05
N TYR B 104 -8.58 12.95 -4.38
CA TYR B 104 -9.04 14.35 -4.32
C TYR B 104 -8.76 14.96 -5.67
N GLY B 105 -9.79 14.95 -6.53
CA GLY B 105 -9.63 15.35 -7.94
C GLY B 105 -8.54 14.48 -8.52
N GLU B 106 -7.62 15.08 -9.25
CA GLU B 106 -6.44 14.38 -9.72
C GLU B 106 -5.19 14.85 -8.96
N GLU B 107 -5.36 15.39 -7.77
CA GLU B 107 -4.23 15.90 -7.00
C GLU B 107 -3.44 14.78 -6.35
N MET B 108 -2.14 15.03 -6.20
CA MET B 108 -1.23 14.21 -5.47
C MET B 108 -0.63 15.06 -4.35
N ILE B 109 -0.86 14.64 -3.13
CA ILE B 109 -0.46 15.33 -1.94
C ILE B 109 0.33 14.41 -1.02
N ASP B 110 1.47 14.85 -0.57
CA ASP B 110 2.28 14.05 0.33
C ASP B 110 2.72 14.94 1.48
N LEU B 111 1.94 14.95 2.54
CA LEU B 111 2.25 15.73 3.72
C LEU B 111 2.35 14.80 4.89
N PRO B 112 2.98 15.25 5.98
CA PRO B 112 3.10 14.33 7.12
C PRO B 112 1.77 13.71 7.55
N LYS B 113 0.72 14.51 7.61
CA LYS B 113 -0.57 14.06 8.07
C LYS B 113 -1.48 13.48 6.96
N LEU B 114 -1.02 13.48 5.71
CA LEU B 114 -1.94 13.25 4.57
C LEU B 114 -1.25 12.79 3.31
N SER B 115 -1.65 11.62 2.81
CA SER B 115 -1.20 11.11 1.54
C SER B 115 -2.39 10.80 0.68
N VAL B 116 -2.45 11.46 -0.48
CA VAL B 116 -3.53 11.27 -1.45
C VAL B 116 -2.89 11.24 -2.84
N PRO B 117 -3.23 10.28 -3.72
CA PRO B 117 -4.14 9.18 -3.46
C PRO B 117 -3.68 8.29 -2.32
N HIS B 118 -4.65 7.67 -1.66
CA HIS B 118 -4.35 6.80 -0.55
C HIS B 118 -3.26 5.80 -0.99
N PRO B 119 -2.18 5.69 -0.23
CA PRO B 119 -1.02 4.85 -0.59
C PRO B 119 -1.24 3.36 -0.89
N ARG B 120 -2.30 2.79 -0.37
CA ARG B 120 -2.59 1.36 -0.55
C ARG B 120 -3.77 1.03 -1.45
N MET B 121 -4.50 2.04 -1.93
CA MET B 121 -5.78 1.78 -2.58
C MET B 121 -5.71 0.90 -3.83
N ASN B 122 -4.60 0.99 -4.59
CA ASN B 122 -4.50 0.30 -5.86
C ASN B 122 -4.34 -1.21 -5.73
N GLU B 123 -4.09 -1.70 -4.51
CA GLU B 123 -3.90 -3.13 -4.26
C GLU B 123 -4.92 -3.68 -3.26
N ARG B 124 -6.03 -2.96 -3.09
CA ARG B 124 -7.08 -3.33 -2.13
C ARG B 124 -8.41 -3.54 -2.85
N ALA B 125 -8.82 -4.80 -2.94
CA ALA B 125 -10.13 -5.13 -3.52
C ALA B 125 -11.25 -4.45 -2.73
N PHE B 126 -11.09 -4.31 -1.40
CA PHE B 126 -12.14 -3.70 -0.57
C PHE B 126 -12.36 -2.23 -0.87
N VAL B 127 -11.37 -1.60 -1.52
CA VAL B 127 -11.52 -0.23 -2.04
C VAL B 127 -11.99 -0.27 -3.49
N LEU B 128 -11.21 -0.95 -4.34
CA LEU B 128 -11.39 -0.85 -5.78
C LEU B 128 -12.73 -1.38 -6.31
N ILE B 129 -13.25 -2.45 -5.70
CA ILE B 129 -14.50 -3.04 -6.15
C ILE B 129 -15.67 -2.06 -5.95
N PRO B 130 -15.83 -1.53 -4.71
CA PRO B 130 -16.87 -0.51 -4.60
C PRO B 130 -16.55 0.80 -5.34
N LEU B 131 -15.28 1.17 -5.43
CA LEU B 131 -14.90 2.41 -6.12
C LEU B 131 -15.27 2.30 -7.56
N ASN B 132 -15.01 1.14 -8.16
CA ASN B 132 -15.41 0.87 -9.54
C ASN B 132 -16.93 1.02 -9.81
N ASP B 133 -17.76 0.69 -8.82
CA ASP B 133 -19.20 0.88 -8.97
C ASP B 133 -19.60 2.34 -9.18
N ILE B 134 -18.84 3.28 -8.64
CA ILE B 134 -19.19 4.74 -8.74
C ILE B 134 -18.17 5.62 -9.51
N ALA B 135 -17.01 5.07 -9.86
CA ALA B 135 -15.90 5.86 -10.40
C ALA B 135 -15.06 5.10 -11.40
N ALA B 136 -15.72 4.23 -12.16
CA ALA B 136 -15.08 3.37 -13.16
C ALA B 136 -14.17 4.13 -14.12
N ASN B 137 -14.59 5.31 -14.54
CA ASN B 137 -13.84 6.11 -15.49
C ASN B 137 -13.02 7.22 -14.88
N VAL B 138 -12.94 7.26 -13.54
CA VAL B 138 -12.08 8.23 -12.88
C VAL B 138 -10.61 7.76 -12.95
N VAL B 139 -9.72 8.70 -13.21
CA VAL B 139 -8.30 8.38 -13.37
C VAL B 139 -7.60 8.49 -12.01
N GLU B 140 -6.87 7.45 -11.68
CA GLU B 140 -6.01 7.45 -10.50
C GLU B 140 -4.69 8.08 -10.94
N PRO B 141 -4.33 9.26 -10.39
CA PRO B 141 -3.26 10.05 -11.06
C PRO B 141 -1.85 9.55 -10.90
N ARG B 142 -1.58 8.64 -9.95
CA ARG B 142 -0.22 8.07 -9.84
C ARG B 142 0.02 7.07 -10.98
N SER B 143 -0.85 6.08 -11.08
CA SER B 143 -0.77 5.06 -12.12
C SER B 143 -1.20 5.60 -13.48
N LYS B 144 -2.01 6.65 -13.46
CA LYS B 144 -2.64 7.22 -14.66
C LYS B 144 -3.64 6.26 -15.31
N LEU B 145 -4.15 5.30 -14.55
CA LEU B 145 -5.14 4.34 -15.03
C LEU B 145 -6.50 4.76 -14.51
N LYS B 146 -7.53 4.44 -15.28
CA LYS B 146 -8.89 4.48 -14.77
C LYS B 146 -9.09 3.40 -13.71
N VAL B 147 -9.94 3.68 -12.74
CA VAL B 147 -10.32 2.69 -11.73
C VAL B 147 -10.73 1.36 -12.39
N LYS B 148 -11.46 1.40 -13.50
CA LYS B 148 -11.91 0.16 -14.14
C LYS B 148 -10.76 -0.69 -14.67
N ASP B 149 -9.60 -0.08 -14.92
CA ASP B 149 -8.39 -0.80 -15.28
C ASP B 149 -7.54 -1.28 -14.12
N LEU B 150 -7.86 -0.84 -12.90
CA LEU B 150 -7.17 -1.26 -11.69
C LEU B 150 -7.95 -2.35 -10.96
N VAL B 151 -9.28 -2.31 -11.01
CA VAL B 151 -10.11 -3.24 -10.24
C VAL B 151 -9.83 -4.69 -10.67
N PHE B 152 -9.84 -5.59 -9.70
CA PHE B 152 -9.65 -7.02 -9.96
C PHE B 152 -10.67 -7.79 -9.13
N VAL B 153 -10.99 -8.99 -9.61
CA VAL B 153 -11.89 -9.90 -8.89
C VAL B 153 -11.21 -10.37 -7.60
N ASP B 154 -11.98 -10.50 -6.53
CA ASP B 154 -11.44 -11.01 -5.27
C ASP B 154 -12.54 -11.67 -4.46
N ASP B 155 -12.32 -12.95 -4.16
CA ASP B 155 -13.28 -13.79 -3.46
C ASP B 155 -13.53 -13.37 -2.02
N SER B 156 -12.61 -12.57 -1.46
CA SER B 156 -12.76 -12.09 -0.11
C SER B 156 -13.66 -10.86 -0.01
N VAL B 157 -14.21 -10.38 -1.11
CA VAL B 157 -15.05 -9.18 -1.13
C VAL B 157 -16.40 -9.62 -1.69
N LYS B 158 -17.44 -9.54 -0.88
CA LYS B 158 -18.77 -10.00 -1.29
C LYS B 158 -19.78 -8.90 -1.08
N ARG B 159 -20.69 -8.79 -2.02
CA ARG B 159 -21.82 -7.89 -1.90
C ARG B 159 -22.59 -8.19 -0.60
N TYR B 160 -22.81 -7.17 0.23
CA TYR B 160 -23.45 -7.41 1.51
C TYR B 160 -24.97 -7.38 1.32
PG APC C . 6.33 0.62 -4.94
O1G APC C . 7.09 -0.69 -4.86
O2G APC C . 4.82 0.52 -4.95
O3G APC C . 6.83 1.64 -3.95
PB APC C . 8.15 1.46 -7.07
O1B APC C . 8.06 1.20 -8.55
O2B APC C . 9.12 0.72 -6.20
O3B APC C . 6.68 1.31 -6.40
PA APC C . 10.02 3.78 -7.61
O1A APC C . 10.96 2.62 -7.48
O2A APC C . 9.73 4.39 -8.95
C3A APC C . 8.49 3.22 -6.82
O5' APC C . 10.62 4.90 -6.56
C5' APC C . 10.13 6.24 -6.54
C4' APC C . 10.63 6.97 -5.29
O4' APC C . 10.08 6.33 -4.15
C3' APC C . 12.11 6.88 -5.03
O3' APC C . 12.82 7.88 -5.75
C2' APC C . 12.22 7.03 -3.53
O2' APC C . 12.63 8.36 -3.15
C1' APC C . 10.81 6.79 -3.03
N9 APC C . 10.69 5.83 -1.93
C8 APC C . 9.84 6.00 -0.86
N7 APC C . 9.93 5.02 0.00
C5 APC C . 10.87 4.16 -0.55
C6 APC C . 11.38 2.95 -0.10
N6 APC C . 10.94 2.38 1.10
N1 APC C . 12.31 2.33 -0.85
C2 APC C . 12.70 2.91 -2.00
N3 APC C . 12.28 4.06 -2.53
C4 APC C . 11.36 4.64 -1.74
C1 5RX D . 3.31 -2.98 -11.63
C2 5RX D . 4.47 -0.94 -11.83
C3 5RX D . 3.80 -3.41 -12.86
C4 5RX D . 4.97 -1.35 -13.06
C5 5RX D . 3.64 -1.75 -11.08
C6 5RX D . 5.84 -4.98 -8.11
C7 5RX D . 4.64 -2.59 -13.58
C8 5RX D . 4.56 -5.32 -8.41
C9 5RX D . 6.82 -6.02 -7.95
C10 5RX D . 4.90 -7.49 -8.47
C11 5RX D . 4.77 -3.14 -8.23
C12 5RX D . 3.13 -1.29 -9.72
N13 5RX D . 4.02 -6.54 -8.61
N14 5RX D . 3.89 -4.14 -8.49
N15 5RX D . 6.24 -7.27 -8.15
N16 5RX D . 5.98 -3.62 -7.99
N17 5RX D . 4.58 -8.82 -8.62
O18 5RX D . 8.00 -5.86 -7.67
S19 5RX D . 4.27 -1.45 -8.25
CL1 5RX D . 5.29 -3.09 -15.12
NA NA E . 30.04 -3.68 1.49
MG MG F . 8.70 -1.38 -5.83
MG MG G . 11.06 1.21 -5.94
NA NA H . 4.83 11.24 3.62
PG APC I . -4.88 2.41 6.10
O1G APC I . -4.00 1.21 5.79
O2G APC I . -6.25 2.22 5.50
O3G APC I . -4.25 3.74 5.83
PB APC I . -6.13 3.28 8.62
O1B APC I . -7.11 3.99 7.72
O2B APC I . -6.61 2.46 9.79
O3B APC I . -5.09 2.40 7.73
PA APC I . -5.92 5.58 10.50
O1A APC I . -5.71 5.02 11.86
O2A APC I . -7.35 5.68 10.03
C3A APC I . -5.05 4.53 9.32
O5' APC I . -5.33 7.06 10.21
C5' APC I . -4.22 7.60 10.91
C4' APC I . -3.80 8.90 10.21
O4' APC I . -3.67 8.68 8.81
C3' APC I . -4.79 10.04 10.30
O3' APC I . -4.52 10.85 11.43
C2' APC I . -4.52 10.85 9.05
O2' APC I . -3.82 12.04 9.37
C1' APC I . -3.58 10.00 8.25
N9 APC I . -3.87 9.95 6.82
C8 APC I . -2.89 10.02 5.87
N7 APC I . -3.40 9.95 4.66
C5 APC I . -4.76 9.83 4.83
C6 APC I . -5.81 9.71 3.91
N6 APC I . -5.60 9.69 2.54
N1 APC I . -7.07 9.60 4.39
C2 APC I . -7.23 9.62 5.71
N3 APC I . -6.30 9.73 6.67
C4 APC I . -5.08 9.82 6.16
C1 5RX J . -6.30 -2.72 10.95
C2 5RX J . -6.73 -4.68 9.69
C3 5RX J . -7.21 -3.14 11.91
C4 5RX J . -7.65 -5.09 10.64
C5 5RX J . -6.05 -3.48 9.82
C6 5RX J . -9.17 -2.39 6.19
C7 5RX J . -7.91 -4.33 11.75
C8 5RX J . -8.58 -3.63 6.03
C9 5RX J . -10.52 -2.19 5.73
C10 5RX J . -10.35 -4.56 5.08
C11 5RX J . -7.19 -2.21 6.96
C12 5RX J . -5.05 -3.01 8.78
N13 5RX J . -9.12 -4.75 5.49
N14 5RX J . -7.31 -3.51 6.53
N15 5RX J . -11.04 -3.35 5.19
N16 5RX J . -8.30 -1.51 6.77
N17 5RX J . -11.10 -5.54 4.50
O18 5RX J . -11.16 -1.14 5.80
S19 5RX J . -5.68 -1.65 7.68
CL1 5RX J . -9.07 -4.85 12.96
NA NA K . -23.22 19.61 2.79
MG MG L . -8.05 5.71 8.05
MG MG M . -8.07 2.62 6.32
#